data_6DRR
#
_entry.id   6DRR
#
_cell.length_a   100.659
_cell.length_b   108.780
_cell.length_c   105.638
_cell.angle_alpha   90.000
_cell.angle_beta   90.000
_cell.angle_gamma   90.000
#
_symmetry.space_group_name_H-M   'C 2 2 21'
#
loop_
_entity.id
_entity.type
_entity.pdbx_description
1 polymer 'Short-chain dehydrogenase'
2 non-polymer 1,2-ETHANEDIOL
3 water water
#
_entity_poly.entity_id   1
_entity_poly.type   'polypeptide(L)'
_entity_poly.pdbx_seq_one_letter_code
;MDLKIKNKVCIITGGAKGIGYGIAKLWASEGGIPVIFSRSMPKEHDKELKKLSSEYEFYEIDLKNYEQIEKLVKKVAIKH
GGIYALVNNAGTNDNLHIENTSTQDLIKSYENNLFHYYTMTKECLPYIKKEQGSILNIVSKTGITGQGRTSAYASAKAAQ
MGFTREWACAFAKDNVRVNAIAPAEVMTPLYEKWLQNFPNPKEQYEKIAKAIPLGHRFTTIEEIANTAVFTLSPLASHTT
GQILMPDGGYVHLDRALNWDENTRGHHHHHH
;
_entity_poly.pdbx_strand_id   A,B
#
# COMPACT_ATOMS: atom_id res chain seq x y z
N MET A 1 3.46 -48.17 -5.43
CA MET A 1 4.55 -47.75 -6.31
C MET A 1 5.84 -47.58 -5.49
N ASP A 2 6.86 -48.35 -5.83
CA ASP A 2 8.14 -48.33 -5.13
C ASP A 2 9.02 -47.26 -5.77
N LEU A 3 9.22 -46.14 -5.05
CA LEU A 3 10.01 -45.02 -5.57
C LEU A 3 11.51 -45.30 -5.60
N LYS A 4 11.98 -46.36 -4.94
CA LYS A 4 13.39 -46.76 -4.99
C LYS A 4 14.31 -45.66 -4.45
N ILE A 5 13.91 -45.03 -3.35
CA ILE A 5 14.71 -44.01 -2.68
C ILE A 5 15.13 -44.44 -1.28
N LYS A 6 15.01 -45.73 -0.97
CA LYS A 6 15.35 -46.21 0.38
C LYS A 6 16.78 -45.82 0.75
N ASN A 7 16.92 -45.11 1.88
CA ASN A 7 18.20 -44.70 2.47
C ASN A 7 18.96 -43.70 1.62
N LYS A 8 18.33 -43.13 0.60
CA LYS A 8 18.95 -42.06 -0.18
C LYS A 8 18.81 -40.72 0.58
N VAL A 9 19.90 -39.96 0.62
CA VAL A 9 19.97 -38.72 1.39
C VAL A 9 19.51 -37.56 0.52
N CYS A 10 18.56 -36.77 1.02
CA CYS A 10 18.11 -35.56 0.35
C CYS A 10 18.21 -34.39 1.32
N ILE A 11 19.00 -33.38 0.97
CA ILE A 11 19.07 -32.14 1.73
C ILE A 11 17.95 -31.23 1.24
N ILE A 12 17.18 -30.67 2.18
CA ILE A 12 16.04 -29.81 1.87
C ILE A 12 16.25 -28.48 2.58
N THR A 13 16.47 -27.41 1.82
CA THR A 13 16.61 -26.11 2.47
C THR A 13 15.23 -25.52 2.75
N GLY A 14 15.12 -24.80 3.86
CA GLY A 14 13.80 -24.37 4.30
C GLY A 14 12.87 -25.54 4.56
N GLY A 15 13.41 -26.66 5.02
CA GLY A 15 12.66 -27.89 5.17
C GLY A 15 12.01 -28.09 6.52
N ALA A 16 12.00 -27.07 7.38
CA ALA A 16 11.42 -27.21 8.70
C ALA A 16 9.97 -26.79 8.77
N LYS A 17 9.45 -26.10 7.75
CA LYS A 17 8.06 -25.67 7.72
C LYS A 17 7.52 -25.76 6.30
N GLY A 18 6.19 -25.68 6.18
CA GLY A 18 5.53 -25.48 4.90
C GLY A 18 5.81 -26.58 3.87
N ILE A 19 6.04 -26.13 2.63
CA ILE A 19 6.25 -27.07 1.52
C ILE A 19 7.46 -27.93 1.78
N GLY A 20 8.56 -27.32 2.24
CA GLY A 20 9.78 -28.08 2.46
C GLY A 20 9.60 -29.18 3.49
N TYR A 21 8.85 -28.88 4.55
CA TYR A 21 8.57 -29.88 5.58
C TYR A 21 7.69 -31.01 5.03
N GLY A 22 6.72 -30.67 4.18
CA GLY A 22 5.93 -31.70 3.54
C GLY A 22 6.77 -32.63 2.67
N ILE A 23 7.74 -32.05 1.95
CA ILE A 23 8.63 -32.88 1.15
C ILE A 23 9.48 -33.76 2.07
N ALA A 24 9.97 -33.18 3.17
CA ALA A 24 10.80 -33.93 4.12
C ALA A 24 10.06 -35.14 4.68
N LYS A 25 8.83 -34.94 5.13
CA LYS A 25 8.06 -36.04 5.71
C LYS A 25 7.82 -37.15 4.70
N LEU A 26 7.45 -36.78 3.46
CA LEU A 26 7.17 -37.79 2.45
C LEU A 26 8.44 -38.51 2.03
N TRP A 27 9.54 -37.78 1.85
CA TRP A 27 10.82 -38.42 1.59
C TRP A 27 11.12 -39.47 2.65
N ALA A 28 10.95 -39.10 3.93
CA ALA A 28 11.21 -40.04 5.01
C ALA A 28 10.23 -41.20 5.00
N SER A 29 8.95 -40.91 4.76
N SER A 29 8.95 -40.92 4.77
CA SER A 29 7.94 -41.96 4.80
CA SER A 29 7.96 -42.00 4.84
C SER A 29 8.18 -43.00 3.73
C SER A 29 8.13 -42.99 3.70
N GLU A 30 8.79 -42.60 2.62
CA GLU A 30 9.11 -43.49 1.52
C GLU A 30 10.47 -44.16 1.68
N GLY A 31 11.13 -43.98 2.84
CA GLY A 31 12.36 -44.66 3.14
C GLY A 31 13.61 -43.83 2.93
N GLY A 32 13.49 -42.63 2.37
CA GLY A 32 14.64 -41.77 2.25
C GLY A 32 15.05 -41.15 3.56
N ILE A 33 16.23 -40.55 3.55
CA ILE A 33 16.80 -39.87 4.72
C ILE A 33 16.79 -38.37 4.46
N PRO A 34 15.87 -37.60 5.05
CA PRO A 34 15.88 -36.15 4.82
C PRO A 34 16.89 -35.46 5.75
N VAL A 35 17.56 -34.45 5.21
CA VAL A 35 18.48 -33.63 5.98
C VAL A 35 18.05 -32.19 5.80
N ILE A 36 17.68 -31.54 6.90
CA ILE A 36 17.02 -30.23 6.86
C ILE A 36 18.06 -29.14 7.10
N PHE A 37 18.17 -28.23 6.15
CA PHE A 37 19.00 -27.02 6.29
C PHE A 37 18.04 -25.84 6.48
N SER A 38 17.91 -25.36 7.71
N SER A 38 17.94 -25.33 7.71
N SER A 38 17.94 -25.35 7.71
CA SER A 38 17.04 -24.23 8.01
CA SER A 38 17.10 -24.17 7.96
CA SER A 38 17.07 -24.23 8.01
C SER A 38 17.67 -23.40 9.13
C SER A 38 17.66 -23.40 9.15
C SER A 38 17.65 -23.38 9.16
N ARG A 39 17.12 -22.22 9.35
N ARG A 39 17.11 -22.19 9.34
CA ARG A 39 17.58 -21.38 10.45
CA ARG A 39 17.56 -21.36 10.46
C ARG A 39 17.13 -21.95 11.80
C ARG A 39 17.13 -21.95 11.80
N SER A 40 15.94 -22.57 11.84
CA SER A 40 15.43 -23.14 13.07
C SER A 40 14.52 -24.31 12.73
N MET A 41 14.29 -25.16 13.72
CA MET A 41 13.47 -26.34 13.55
C MET A 41 12.51 -26.47 14.73
N PRO A 42 11.20 -26.40 14.52
CA PRO A 42 10.26 -26.60 15.63
C PRO A 42 10.45 -27.96 16.26
N LYS A 43 10.34 -28.01 17.59
CA LYS A 43 10.63 -29.25 18.29
C LYS A 43 9.66 -30.36 17.89
N GLU A 44 8.41 -30.01 17.61
CA GLU A 44 7.42 -31.01 17.21
C GLU A 44 7.74 -31.59 15.85
N HIS A 45 8.28 -30.76 14.95
CA HIS A 45 8.69 -31.27 13.64
C HIS A 45 9.94 -32.12 13.73
N ASP A 46 10.88 -31.73 14.60
CA ASP A 46 12.05 -32.59 14.85
C ASP A 46 11.61 -33.95 15.35
N LYS A 47 10.64 -33.98 16.27
CA LYS A 47 10.14 -35.23 16.82
C LYS A 47 9.51 -36.09 15.73
N GLU A 48 8.65 -35.50 14.90
N GLU A 48 8.66 -35.48 14.90
CA GLU A 48 8.00 -36.29 13.86
CA GLU A 48 7.98 -36.21 13.83
C GLU A 48 9.00 -36.80 12.83
C GLU A 48 8.96 -36.76 12.81
N LEU A 49 9.95 -35.97 12.41
CA LEU A 49 10.91 -36.42 11.41
C LEU A 49 11.79 -37.53 11.95
N LYS A 50 12.16 -37.46 13.23
CA LYS A 50 12.92 -38.54 13.87
C LYS A 50 12.11 -39.84 13.89
N LYS A 51 10.80 -39.74 14.15
CA LYS A 51 9.96 -40.94 14.13
C LYS A 51 9.93 -41.55 12.73
N LEU A 52 9.87 -40.72 11.69
CA LEU A 52 9.78 -41.21 10.32
C LEU A 52 11.13 -41.68 9.78
N SER A 53 12.23 -41.16 10.30
CA SER A 53 13.55 -41.49 9.77
C SER A 53 14.56 -41.39 10.90
N SER A 54 15.08 -42.54 11.35
CA SER A 54 16.02 -42.52 12.47
C SER A 54 17.33 -41.84 12.12
N GLU A 55 17.64 -41.70 10.83
CA GLU A 55 18.89 -41.08 10.41
C GLU A 55 18.72 -39.63 9.99
N TYR A 56 17.50 -39.10 10.05
CA TYR A 56 17.26 -37.69 9.74
C TYR A 56 18.10 -36.78 10.63
N GLU A 57 18.56 -35.67 10.05
CA GLU A 57 19.29 -34.64 10.78
C GLU A 57 18.78 -33.26 10.43
N PHE A 58 18.83 -32.37 11.42
CA PHE A 58 18.61 -30.94 11.23
C PHE A 58 19.93 -30.21 11.42
N TYR A 59 20.29 -29.36 10.46
CA TYR A 59 21.50 -28.55 10.54
C TYR A 59 21.08 -27.09 10.60
N GLU A 60 21.32 -26.46 11.73
CA GLU A 60 21.05 -25.04 11.88
C GLU A 60 22.00 -24.26 10.98
N ILE A 61 21.45 -23.46 10.08
CA ILE A 61 22.27 -22.81 9.05
C ILE A 61 21.68 -21.46 8.69
N ASP A 62 22.56 -20.47 8.51
CA ASP A 62 22.23 -19.19 7.91
C ASP A 62 22.58 -19.29 6.42
N LEU A 63 21.55 -19.40 5.58
CA LEU A 63 21.82 -19.65 4.16
C LEU A 63 22.38 -18.42 3.44
N LYS A 64 22.53 -17.28 4.13
CA LYS A 64 23.28 -16.15 3.60
C LYS A 64 24.79 -16.27 3.86
N ASN A 65 25.24 -17.30 4.58
CA ASN A 65 26.65 -17.48 4.93
C ASN A 65 27.24 -18.59 4.06
N TYR A 66 27.99 -18.21 3.01
CA TYR A 66 28.48 -19.21 2.06
C TYR A 66 29.47 -20.17 2.70
N GLU A 67 30.31 -19.65 3.59
CA GLU A 67 31.29 -20.51 4.26
C GLU A 67 30.60 -21.53 5.16
N GLN A 68 29.49 -21.15 5.80
CA GLN A 68 28.78 -22.13 6.60
C GLN A 68 28.16 -23.21 5.71
N ILE A 69 27.68 -22.85 4.52
CA ILE A 69 27.13 -23.85 3.61
C ILE A 69 28.20 -24.85 3.19
N GLU A 70 29.40 -24.37 2.86
CA GLU A 70 30.49 -25.26 2.48
C GLU A 70 30.82 -26.22 3.61
N LYS A 71 30.91 -25.70 4.83
CA LYS A 71 31.27 -26.54 5.96
C LYS A 71 30.17 -27.56 6.26
N LEU A 72 28.91 -27.14 6.20
CA LEU A 72 27.83 -28.03 6.62
C LEU A 72 27.51 -29.08 5.56
N VAL A 73 27.58 -28.73 4.27
CA VAL A 73 27.35 -29.75 3.25
C VAL A 73 28.40 -30.86 3.36
N LYS A 74 29.66 -30.48 3.63
CA LYS A 74 30.71 -31.48 3.77
C LYS A 74 30.45 -32.38 4.98
N LYS A 75 29.95 -31.80 6.07
CA LYS A 75 29.62 -32.61 7.24
C LYS A 75 28.50 -33.59 6.94
N VAL A 76 27.51 -33.19 6.13
CA VAL A 76 26.45 -34.12 5.74
C VAL A 76 27.04 -35.31 5.00
N ALA A 77 27.88 -35.03 4.01
CA ALA A 77 28.46 -36.10 3.19
C ALA A 77 29.33 -37.03 4.03
N ILE A 78 30.05 -36.47 5.01
CA ILE A 78 30.88 -37.32 5.88
C ILE A 78 30.00 -38.20 6.76
N LYS A 79 28.94 -37.62 7.33
CA LYS A 79 28.07 -38.36 8.24
C LYS A 79 27.35 -39.50 7.53
N HIS A 80 26.84 -39.25 6.33
CA HIS A 80 25.96 -40.19 5.65
C HIS A 80 26.66 -40.95 4.53
N GLY A 81 27.87 -40.56 4.15
CA GLY A 81 28.58 -41.18 3.06
C GLY A 81 28.37 -40.52 1.72
N GLY A 82 27.42 -39.61 1.62
CA GLY A 82 27.13 -38.97 0.35
C GLY A 82 25.79 -38.25 0.41
N ILE A 83 25.40 -37.73 -0.75
CA ILE A 83 24.14 -37.00 -0.93
C ILE A 83 23.56 -37.41 -2.26
N TYR A 84 22.29 -37.85 -2.26
CA TYR A 84 21.64 -38.22 -3.51
C TYR A 84 20.92 -37.04 -4.15
N ALA A 85 20.31 -36.18 -3.35
CA ALA A 85 19.44 -35.16 -3.92
C ALA A 85 19.49 -33.89 -3.08
N LEU A 86 19.13 -32.78 -3.71
CA LEU A 86 19.00 -31.49 -3.07
C LEU A 86 17.69 -30.86 -3.50
N VAL A 87 16.91 -30.37 -2.53
CA VAL A 87 15.75 -29.53 -2.81
C VAL A 87 16.06 -28.12 -2.32
N ASN A 88 16.20 -27.18 -3.26
CA ASN A 88 16.37 -25.76 -2.94
C ASN A 88 14.99 -25.16 -2.75
N ASN A 89 14.68 -24.74 -1.52
CA ASN A 89 13.33 -24.29 -1.20
C ASN A 89 13.29 -23.08 -0.27
N ALA A 90 14.38 -22.75 0.45
CA ALA A 90 14.33 -21.65 1.40
C ALA A 90 14.08 -20.33 0.70
N GLY A 91 13.30 -19.46 1.36
CA GLY A 91 12.92 -18.16 0.82
C GLY A 91 11.46 -17.80 1.05
N THR A 92 11.11 -16.53 0.86
N THR A 92 11.12 -16.53 0.84
CA THR A 92 9.74 -16.07 0.99
CA THR A 92 9.75 -16.05 0.98
C THR A 92 9.49 -14.95 -0.02
C THR A 92 9.50 -14.97 -0.06
N ASN A 93 8.22 -14.78 -0.38
CA ASN A 93 7.81 -13.62 -1.19
C ASN A 93 7.80 -12.39 -0.29
N ASP A 94 8.76 -11.48 -0.50
CA ASP A 94 8.91 -10.30 0.33
C ASP A 94 8.27 -9.06 -0.26
N ASN A 95 7.57 -9.20 -1.39
CA ASN A 95 6.75 -8.14 -1.98
C ASN A 95 7.50 -6.80 -2.06
N LEU A 96 8.69 -6.83 -2.66
CA LEU A 96 9.51 -5.63 -2.82
C LEU A 96 9.28 -5.07 -4.22
N HIS A 97 8.53 -3.97 -4.28
CA HIS A 97 8.17 -3.38 -5.57
C HIS A 97 9.29 -2.46 -6.06
N ILE A 98 9.51 -2.45 -7.38
CA ILE A 98 10.66 -1.74 -7.92
C ILE A 98 10.60 -0.23 -7.59
N GLU A 99 9.41 0.34 -7.56
CA GLU A 99 9.32 1.80 -7.49
C GLU A 99 9.68 2.35 -6.12
N ASN A 100 9.71 1.52 -5.09
CA ASN A 100 10.12 2.03 -3.78
C ASN A 100 11.13 1.10 -3.11
N THR A 101 11.88 0.33 -3.89
CA THR A 101 12.91 -0.55 -3.36
C THR A 101 14.25 -0.23 -4.03
N SER A 102 15.25 0.04 -3.21
CA SER A 102 16.58 0.33 -3.75
C SER A 102 17.19 -0.92 -4.37
N THR A 103 18.18 -0.71 -5.23
CA THR A 103 18.94 -1.84 -5.76
C THR A 103 19.63 -2.60 -4.64
N GLN A 104 20.11 -1.89 -3.61
CA GLN A 104 20.74 -2.56 -2.48
C GLN A 104 19.78 -3.51 -1.78
N ASP A 105 18.52 -3.11 -1.62
CA ASP A 105 17.57 -4.01 -0.98
C ASP A 105 17.12 -5.14 -1.91
N LEU A 106 17.14 -4.91 -3.24
CA LEU A 106 16.97 -6.03 -4.17
C LEU A 106 18.02 -7.09 -3.92
N ILE A 107 19.27 -6.67 -3.75
CA ILE A 107 20.36 -7.61 -3.53
C ILE A 107 20.22 -8.29 -2.17
N LYS A 108 19.81 -7.54 -1.14
CA LYS A 108 19.56 -8.18 0.15
C LYS A 108 18.46 -9.24 0.05
N SER A 109 17.42 -8.96 -0.74
CA SER A 109 16.39 -9.97 -1.00
C SER A 109 16.98 -11.19 -1.70
N TYR A 110 17.85 -10.95 -2.69
CA TYR A 110 18.50 -12.07 -3.37
C TYR A 110 19.35 -12.89 -2.40
N GLU A 111 20.00 -12.23 -1.44
CA GLU A 111 20.73 -12.98 -0.43
C GLU A 111 19.79 -13.93 0.30
N ASN A 112 18.57 -13.49 0.59
CA ASN A 112 17.60 -14.34 1.28
C ASN A 112 16.98 -15.38 0.38
N ASN A 113 16.75 -15.06 -0.90
CA ASN A 113 15.91 -15.89 -1.75
C ASN A 113 16.63 -16.59 -2.90
N LEU A 114 17.79 -16.11 -3.30
CA LEU A 114 18.36 -16.53 -4.59
C LEU A 114 19.74 -17.16 -4.45
N PHE A 115 20.70 -16.46 -3.84
CA PHE A 115 22.10 -16.87 -3.99
C PHE A 115 22.35 -18.27 -3.43
N HIS A 116 21.66 -18.67 -2.37
CA HIS A 116 21.95 -19.97 -1.77
C HIS A 116 21.48 -21.13 -2.64
N TYR A 117 20.53 -20.91 -3.57
CA TYR A 117 20.28 -21.98 -4.53
C TYR A 117 21.56 -22.33 -5.28
N TYR A 118 22.36 -21.30 -5.61
CA TYR A 118 23.63 -21.53 -6.30
C TYR A 118 24.65 -22.16 -5.36
N THR A 119 24.81 -21.59 -4.17
CA THR A 119 25.83 -22.10 -3.25
C THR A 119 25.56 -23.53 -2.84
N MET A 120 24.30 -23.83 -2.46
CA MET A 120 23.95 -25.19 -2.07
C MET A 120 24.21 -26.17 -3.21
N THR A 121 23.77 -25.82 -4.43
CA THR A 121 23.95 -26.73 -5.55
C THR A 121 25.42 -26.95 -5.85
N LYS A 122 26.21 -25.87 -5.83
CA LYS A 122 27.65 -25.99 -6.06
C LYS A 122 28.28 -26.98 -5.08
N GLU A 123 27.93 -26.88 -3.81
CA GLU A 123 28.59 -27.71 -2.81
C GLU A 123 28.09 -29.15 -2.83
N CYS A 124 26.80 -29.37 -3.16
CA CYS A 124 26.26 -30.72 -3.23
C CYS A 124 26.66 -31.45 -4.51
N LEU A 125 26.96 -30.73 -5.57
CA LEU A 125 27.12 -31.35 -6.88
C LEU A 125 28.13 -32.49 -6.93
N PRO A 126 29.32 -32.40 -6.32
CA PRO A 126 30.25 -33.54 -6.42
C PRO A 126 29.62 -34.83 -5.90
N TYR A 127 28.86 -34.73 -4.82
CA TYR A 127 28.22 -35.91 -4.24
C TYR A 127 27.04 -36.37 -5.08
N ILE A 128 26.20 -35.44 -5.54
CA ILE A 128 25.03 -35.82 -6.33
C ILE A 128 25.46 -36.44 -7.66
N LYS A 129 26.55 -35.93 -8.25
CA LYS A 129 27.07 -36.54 -9.47
C LYS A 129 27.50 -37.98 -9.22
N LYS A 130 28.17 -38.22 -8.08
CA LYS A 130 28.63 -39.58 -7.80
C LYS A 130 27.47 -40.56 -7.70
N GLU A 131 26.33 -40.13 -7.15
CA GLU A 131 25.17 -40.99 -7.00
C GLU A 131 24.19 -40.88 -8.16
N GLN A 132 24.53 -40.13 -9.21
CA GLN A 132 23.66 -39.87 -10.35
C GLN A 132 22.24 -39.50 -9.90
N GLY A 133 22.19 -38.46 -9.09
CA GLY A 133 21.00 -38.08 -8.34
C GLY A 133 20.21 -36.94 -8.97
N SER A 134 19.58 -36.14 -8.12
CA SER A 134 18.58 -35.17 -8.57
C SER A 134 18.73 -33.86 -7.82
N ILE A 135 18.47 -32.77 -8.53
CA ILE A 135 18.35 -31.45 -7.96
C ILE A 135 16.95 -30.93 -8.28
N LEU A 136 16.24 -30.45 -7.27
CA LEU A 136 14.89 -29.90 -7.45
C LEU A 136 14.85 -28.48 -6.91
N ASN A 137 14.48 -27.53 -7.77
CA ASN A 137 14.37 -26.13 -7.37
C ASN A 137 12.90 -25.78 -7.17
N ILE A 138 12.52 -25.43 -5.95
CA ILE A 138 11.15 -24.94 -5.74
C ILE A 138 11.10 -23.47 -6.15
N VAL A 139 10.29 -23.17 -7.16
CA VAL A 139 10.15 -21.79 -7.61
C VAL A 139 8.74 -21.30 -7.32
N SER A 140 8.15 -20.56 -8.25
CA SER A 140 6.84 -19.96 -8.02
C SER A 140 6.21 -19.58 -9.34
N LYS A 141 4.86 -19.64 -9.38
CA LYS A 141 4.13 -19.09 -10.53
C LYS A 141 4.57 -17.67 -10.85
N THR A 142 4.98 -16.91 -9.84
CA THR A 142 5.26 -15.49 -10.02
C THR A 142 6.45 -15.25 -10.94
N GLY A 143 7.40 -16.20 -11.00
CA GLY A 143 8.50 -16.07 -11.94
C GLY A 143 8.08 -16.23 -13.39
N ILE A 144 6.93 -16.84 -13.63
CA ILE A 144 6.39 -17.02 -14.97
C ILE A 144 5.36 -15.95 -15.30
N THR A 145 4.44 -15.69 -14.36
CA THR A 145 3.29 -14.84 -14.63
C THR A 145 3.50 -13.39 -14.24
N GLY A 146 4.48 -13.10 -13.40
CA GLY A 146 4.55 -11.83 -12.71
C GLY A 146 3.46 -11.74 -11.66
N GLN A 147 3.48 -10.61 -10.93
CA GLN A 147 2.43 -10.34 -9.96
C GLN A 147 2.12 -8.85 -9.93
N GLY A 148 3.17 -8.03 -9.81
CA GLY A 148 2.98 -6.60 -9.99
C GLY A 148 3.61 -5.73 -8.92
N ARG A 149 3.84 -6.29 -7.73
CA ARG A 149 4.48 -5.52 -6.67
C ARG A 149 5.57 -6.34 -5.99
N THR A 150 6.27 -7.19 -6.74
CA THR A 150 7.25 -8.08 -6.12
C THR A 150 8.37 -8.36 -7.10
N SER A 151 9.06 -7.30 -7.52
CA SER A 151 10.18 -7.41 -8.46
C SER A 151 11.28 -8.33 -7.95
N ALA A 152 11.60 -8.27 -6.66
CA ALA A 152 12.74 -9.02 -6.17
C ALA A 152 12.45 -10.52 -6.18
N TYR A 153 11.27 -10.92 -5.70
CA TYR A 153 10.89 -12.33 -5.68
C TYR A 153 10.66 -12.86 -7.09
N ALA A 154 9.96 -12.11 -7.93
CA ALA A 154 9.67 -12.58 -9.29
C ALA A 154 10.95 -12.85 -10.05
N SER A 155 11.92 -11.95 -9.97
CA SER A 155 13.15 -12.16 -10.72
C SER A 155 14.00 -13.28 -10.13
N ALA A 156 14.00 -13.44 -8.80
CA ALA A 156 14.73 -14.54 -8.19
C ALA A 156 14.15 -15.88 -8.63
N LYS A 157 12.82 -15.97 -8.66
CA LYS A 157 12.19 -17.23 -9.06
C LYS A 157 12.48 -17.55 -10.52
N ALA A 158 12.42 -16.53 -11.39
CA ALA A 158 12.77 -16.76 -12.79
C ALA A 158 14.24 -17.12 -12.95
N ALA A 159 15.14 -16.43 -12.23
CA ALA A 159 16.55 -16.80 -12.25
C ALA A 159 16.73 -18.29 -11.96
N GLN A 160 15.94 -18.82 -11.02
CA GLN A 160 16.07 -20.22 -10.63
C GLN A 160 15.51 -21.16 -11.68
N MET A 161 14.52 -20.71 -12.46
CA MET A 161 14.14 -21.45 -13.66
C MET A 161 15.28 -21.51 -14.65
N GLY A 162 16.03 -20.41 -14.79
CA GLY A 162 17.22 -20.43 -15.63
C GLY A 162 18.29 -21.37 -15.13
N PHE A 163 18.56 -21.36 -13.82
CA PHE A 163 19.46 -22.36 -13.26
C PHE A 163 18.99 -23.77 -13.58
N THR A 164 17.67 -24.00 -13.51
CA THR A 164 17.15 -25.34 -13.74
C THR A 164 17.50 -25.82 -15.14
N ARG A 165 17.26 -24.96 -16.14
CA ARG A 165 17.60 -25.32 -17.52
C ARG A 165 19.11 -25.41 -17.71
N GLU A 166 19.86 -24.48 -17.12
CA GLU A 166 21.31 -24.47 -17.29
C GLU A 166 21.97 -25.70 -16.67
N TRP A 167 21.59 -26.03 -15.44
CA TRP A 167 22.17 -27.19 -14.76
C TRP A 167 21.69 -28.49 -15.39
N ALA A 168 20.47 -28.50 -15.94
CA ALA A 168 20.05 -29.68 -16.68
C ALA A 168 20.96 -29.94 -17.87
N CYS A 169 21.30 -28.87 -18.62
CA CYS A 169 22.30 -28.99 -19.68
C CYS A 169 23.65 -29.44 -19.15
N ALA A 170 24.11 -28.80 -18.06
CA ALA A 170 25.47 -29.02 -17.57
C ALA A 170 25.70 -30.46 -17.16
N PHE A 171 24.70 -31.11 -16.57
CA PHE A 171 24.92 -32.37 -15.89
C PHE A 171 24.14 -33.54 -16.50
N ALA A 172 23.45 -33.33 -17.62
CA ALA A 172 22.81 -34.45 -18.29
C ALA A 172 23.83 -35.54 -18.64
N LYS A 173 25.02 -35.13 -19.05
CA LYS A 173 26.09 -36.09 -19.34
C LYS A 173 26.43 -36.93 -18.12
N ASP A 174 26.25 -36.39 -16.92
CA ASP A 174 26.55 -37.07 -15.68
C ASP A 174 25.38 -37.89 -15.15
N ASN A 175 24.27 -37.93 -15.89
CA ASN A 175 23.02 -38.55 -15.44
C ASN A 175 22.54 -37.95 -14.13
N VAL A 176 22.66 -36.63 -14.01
CA VAL A 176 22.03 -35.87 -12.93
C VAL A 176 20.84 -35.13 -13.51
N ARG A 177 19.65 -35.34 -12.93
CA ARG A 177 18.46 -34.64 -13.39
C ARG A 177 18.23 -33.38 -12.57
N VAL A 178 17.77 -32.31 -13.24
CA VAL A 178 17.53 -31.02 -12.58
C VAL A 178 16.17 -30.51 -13.02
N ASN A 179 15.26 -30.34 -12.07
CA ASN A 179 13.90 -29.91 -12.39
C ASN A 179 13.46 -28.84 -11.40
N ALA A 180 12.30 -28.26 -11.67
CA ALA A 180 11.73 -27.25 -10.79
C ALA A 180 10.24 -27.52 -10.64
N ILE A 181 9.68 -27.10 -9.50
CA ILE A 181 8.24 -27.07 -9.30
C ILE A 181 7.82 -25.63 -9.05
N ALA A 182 6.86 -25.15 -9.84
CA ALA A 182 6.29 -23.82 -9.67
C ALA A 182 4.91 -23.90 -9.04
N PRO A 183 4.81 -23.86 -7.71
CA PRO A 183 3.48 -23.82 -7.10
C PRO A 183 2.81 -22.48 -7.38
N ALA A 184 1.48 -22.49 -7.31
CA ALA A 184 0.73 -21.24 -7.39
C ALA A 184 0.30 -20.82 -5.99
N GLU A 185 -0.91 -21.17 -5.58
CA GLU A 185 -1.40 -20.86 -4.25
C GLU A 185 -1.44 -22.14 -3.41
N VAL A 186 -0.61 -22.21 -2.37
CA VAL A 186 -0.45 -23.40 -1.55
C VAL A 186 -0.79 -23.03 -0.12
N MET A 187 -1.79 -23.72 0.45
CA MET A 187 -2.13 -23.47 1.85
C MET A 187 -1.03 -23.98 2.78
N THR A 188 -0.52 -23.10 3.62
CA THR A 188 0.50 -23.40 4.62
C THR A 188 0.09 -22.70 5.90
N PRO A 189 0.66 -23.10 7.04
CA PRO A 189 0.41 -22.32 8.27
C PRO A 189 0.76 -20.85 8.13
N LEU A 190 1.85 -20.52 7.42
CA LEU A 190 2.19 -19.12 7.23
C LEU A 190 1.14 -18.39 6.39
N TYR A 191 0.61 -19.04 5.36
CA TYR A 191 -0.47 -18.44 4.58
C TYR A 191 -1.71 -18.25 5.43
N GLU A 192 -2.03 -19.22 6.28
CA GLU A 192 -3.22 -19.11 7.12
C GLU A 192 -3.10 -17.93 8.09
N LYS A 193 -1.92 -17.71 8.66
CA LYS A 193 -1.72 -16.57 9.54
C LYS A 193 -1.88 -15.26 8.79
N TRP A 194 -1.38 -15.20 7.55
CA TRP A 194 -1.53 -14.02 6.72
C TRP A 194 -3.01 -13.71 6.45
N LEU A 195 -3.78 -14.75 6.13
CA LEU A 195 -5.21 -14.56 5.92
C LEU A 195 -5.91 -14.08 7.17
N GLN A 196 -5.37 -14.40 8.35
CA GLN A 196 -5.98 -13.97 9.59
C GLN A 196 -5.73 -12.51 9.91
N ASN A 197 -4.80 -11.86 9.21
CA ASN A 197 -4.66 -10.40 9.30
C ASN A 197 -5.89 -9.68 8.77
N PHE A 198 -6.69 -10.33 7.91
CA PHE A 198 -7.76 -9.67 7.19
C PHE A 198 -9.03 -9.58 8.02
N PRO A 199 -9.80 -8.50 7.82
CA PRO A 199 -11.09 -8.37 8.53
C PRO A 199 -11.98 -9.60 8.41
N ASN A 200 -12.10 -10.16 7.21
CA ASN A 200 -12.82 -11.42 7.02
C ASN A 200 -11.86 -12.42 6.37
N PRO A 201 -11.23 -13.30 7.15
CA PRO A 201 -10.25 -14.23 6.57
C PRO A 201 -10.83 -15.19 5.55
N LYS A 202 -11.99 -15.78 5.84
CA LYS A 202 -12.60 -16.70 4.87
C LYS A 202 -12.96 -15.96 3.58
N GLU A 203 -13.36 -14.70 3.68
CA GLU A 203 -13.67 -13.94 2.47
C GLU A 203 -12.43 -13.68 1.64
N GLN A 204 -11.33 -13.32 2.29
CA GLN A 204 -10.10 -13.09 1.54
C GLN A 204 -9.61 -14.37 0.87
N TYR A 205 -9.70 -15.49 1.58
CA TYR A 205 -9.34 -16.78 0.98
C TYR A 205 -10.17 -17.05 -0.26
N GLU A 206 -11.49 -16.90 -0.15
CA GLU A 206 -12.36 -17.17 -1.29
C GLU A 206 -12.07 -16.22 -2.44
N LYS A 207 -11.65 -14.98 -2.13
CA LYS A 207 -11.30 -14.03 -3.17
C LYS A 207 -10.10 -14.51 -3.97
N ILE A 208 -9.07 -14.98 -3.28
CA ILE A 208 -7.91 -15.56 -3.96
C ILE A 208 -8.28 -16.86 -4.63
N ALA A 209 -8.99 -17.73 -3.90
CA ALA A 209 -9.18 -19.11 -4.34
C ALA A 209 -10.10 -19.21 -5.54
N LYS A 210 -10.98 -18.23 -5.76
CA LYS A 210 -11.92 -18.35 -6.87
C LYS A 210 -11.21 -18.28 -8.22
N ALA A 211 -9.96 -17.82 -8.26
CA ALA A 211 -9.23 -17.76 -9.52
C ALA A 211 -8.51 -19.07 -9.82
N ILE A 212 -8.65 -20.09 -8.99
CA ILE A 212 -7.99 -21.37 -9.18
C ILE A 212 -9.00 -22.32 -9.84
N PRO A 213 -8.83 -22.67 -11.12
CA PRO A 213 -9.88 -23.43 -11.81
C PRO A 213 -10.26 -24.74 -11.15
N LEU A 214 -9.29 -25.50 -10.66
CA LEU A 214 -9.56 -26.84 -10.14
C LEU A 214 -10.00 -26.72 -8.68
N GLY A 215 -11.31 -26.55 -8.47
CA GLY A 215 -11.89 -26.62 -7.14
C GLY A 215 -12.03 -25.31 -6.40
N HIS A 216 -11.61 -24.19 -7.00
CA HIS A 216 -11.60 -22.90 -6.31
C HIS A 216 -11.02 -23.04 -4.90
N ARG A 217 -9.86 -23.70 -4.82
CA ARG A 217 -9.24 -23.98 -3.54
C ARG A 217 -7.73 -24.04 -3.74
N PHE A 218 -7.00 -23.74 -2.67
CA PHE A 218 -5.54 -23.74 -2.72
C PHE A 218 -5.03 -25.17 -2.92
N THR A 219 -3.88 -25.26 -3.59
CA THR A 219 -3.12 -26.50 -3.60
C THR A 219 -2.69 -26.87 -2.17
N THR A 220 -2.61 -28.16 -1.90
CA THR A 220 -2.15 -28.60 -0.60
C THR A 220 -0.65 -28.84 -0.59
N ILE A 221 -0.07 -28.80 0.62
CA ILE A 221 1.33 -29.15 0.78
C ILE A 221 1.58 -30.58 0.28
N GLU A 222 0.64 -31.48 0.56
CA GLU A 222 0.78 -32.87 0.13
C GLU A 222 0.87 -32.98 -1.38
N GLU A 223 0.07 -32.19 -2.10
CA GLU A 223 0.09 -32.25 -3.56
C GLU A 223 1.43 -31.80 -4.11
N ILE A 224 2.00 -30.72 -3.57
CA ILE A 224 3.34 -30.32 -3.99
C ILE A 224 4.34 -31.42 -3.67
N ALA A 225 4.28 -31.96 -2.45
CA ALA A 225 5.26 -32.95 -2.03
C ALA A 225 5.18 -34.21 -2.89
N ASN A 226 3.96 -34.64 -3.23
CA ASN A 226 3.82 -35.86 -4.03
C ASN A 226 4.55 -35.72 -5.36
N THR A 227 4.32 -34.61 -6.05
CA THR A 227 5.01 -34.41 -7.33
C THR A 227 6.51 -34.19 -7.14
N ALA A 228 6.90 -33.52 -6.04
CA ALA A 228 8.33 -33.30 -5.78
C ALA A 228 9.07 -34.62 -5.59
N VAL A 229 8.52 -35.50 -4.73
CA VAL A 229 9.24 -36.72 -4.41
C VAL A 229 9.21 -37.70 -5.58
N PHE A 230 8.08 -37.78 -6.30
CA PHE A 230 8.07 -38.58 -7.52
C PHE A 230 9.13 -38.09 -8.50
N THR A 231 9.23 -36.78 -8.69
CA THR A 231 10.18 -36.24 -9.66
C THR A 231 11.63 -36.48 -9.24
N LEU A 232 11.91 -36.38 -7.94
CA LEU A 232 13.27 -36.65 -7.44
C LEU A 232 13.66 -38.11 -7.65
N SER A 233 12.69 -39.00 -7.56
CA SER A 233 12.96 -40.42 -7.52
C SER A 233 13.45 -40.94 -8.86
N PRO A 234 14.09 -42.12 -8.85
CA PRO A 234 14.46 -42.78 -10.10
C PRO A 234 13.28 -43.18 -10.98
N LEU A 235 12.05 -43.11 -10.51
CA LEU A 235 10.94 -43.41 -11.42
C LEU A 235 10.73 -42.31 -12.44
N ALA A 236 11.31 -41.13 -12.21
CA ALA A 236 11.27 -40.03 -13.17
C ALA A 236 12.62 -39.89 -13.88
N SER A 237 13.20 -41.03 -14.27
CA SER A 237 14.60 -41.09 -14.68
C SER A 237 14.87 -40.49 -16.07
N HIS A 238 13.88 -40.06 -16.84
CA HIS A 238 14.20 -39.32 -18.06
C HIS A 238 13.59 -37.92 -18.02
N THR A 239 13.26 -37.43 -16.83
CA THR A 239 12.67 -36.10 -16.66
C THR A 239 13.77 -35.15 -16.22
N THR A 240 14.13 -34.21 -17.10
CA THR A 240 15.09 -33.18 -16.70
C THR A 240 14.79 -31.88 -17.45
N GLY A 241 15.22 -30.79 -16.83
CA GLY A 241 14.95 -29.46 -17.36
C GLY A 241 13.51 -29.02 -17.26
N GLN A 242 12.68 -29.72 -16.48
CA GLN A 242 11.24 -29.43 -16.48
C GLN A 242 10.88 -28.40 -15.41
N ILE A 243 9.99 -27.49 -15.79
CA ILE A 243 9.32 -26.60 -14.84
C ILE A 243 7.91 -27.15 -14.69
N LEU A 244 7.62 -27.75 -13.54
CA LEU A 244 6.38 -28.50 -13.32
C LEU A 244 5.37 -27.63 -12.58
N MET A 245 4.13 -27.64 -13.04
CA MET A 245 3.05 -26.85 -12.45
C MET A 245 1.93 -27.74 -11.95
N PRO A 246 2.01 -28.21 -10.71
CA PRO A 246 0.83 -28.76 -10.04
C PRO A 246 0.13 -27.63 -9.33
N ASP A 247 -0.78 -26.95 -10.04
CA ASP A 247 -1.22 -25.64 -9.60
C ASP A 247 -2.71 -25.38 -9.79
N GLY A 248 -3.50 -26.42 -10.06
CA GLY A 248 -4.92 -26.22 -10.23
C GLY A 248 -5.32 -25.54 -11.50
N GLY A 249 -4.39 -25.41 -12.46
CA GLY A 249 -4.67 -24.71 -13.70
C GLY A 249 -4.33 -23.24 -13.70
N TYR A 250 -3.62 -22.76 -12.67
CA TYR A 250 -3.40 -21.33 -12.47
C TYR A 250 -2.65 -20.69 -13.65
N VAL A 251 -1.58 -21.33 -14.11
CA VAL A 251 -0.76 -20.69 -15.13
C VAL A 251 -1.38 -20.84 -16.52
N HIS A 252 -1.99 -21.99 -16.81
CA HIS A 252 -2.24 -22.35 -18.21
C HIS A 252 -3.69 -22.21 -18.67
N LEU A 253 -4.67 -22.20 -17.79
CA LEU A 253 -6.06 -22.17 -18.23
C LEU A 253 -6.58 -20.75 -18.36
N ASP A 254 -7.51 -20.57 -19.30
CA ASP A 254 -8.13 -19.28 -19.59
C ASP A 254 -8.38 -18.46 -18.33
N ARG A 255 -7.80 -17.25 -18.28
CA ARG A 255 -7.98 -16.36 -17.13
C ARG A 255 -9.43 -16.01 -16.85
N ALA A 256 -10.29 -16.13 -17.86
CA ALA A 256 -11.70 -15.74 -17.72
C ALA A 256 -12.56 -16.87 -17.16
N LEU A 257 -11.98 -18.03 -16.90
CA LEU A 257 -12.76 -19.20 -16.49
C LEU A 257 -13.46 -18.93 -15.16
N ASN A 258 -14.72 -19.34 -15.06
CA ASN A 258 -15.46 -19.14 -13.83
C ASN A 258 -16.57 -20.19 -13.72
N TRP A 259 -17.25 -20.17 -12.59
CA TRP A 259 -18.45 -20.99 -12.37
C TRP A 259 -19.70 -20.11 -12.53
N MET B 1 -5.38 22.38 25.32
CA MET B 1 -6.37 23.39 25.00
C MET B 1 -7.68 22.73 24.57
N ASP B 2 -8.75 22.97 25.35
CA ASP B 2 -10.08 22.42 25.08
C ASP B 2 -10.83 23.35 24.14
N LEU B 3 -11.01 22.93 22.88
CA LEU B 3 -11.65 23.77 21.88
C LEU B 3 -13.16 23.85 22.04
N LYS B 4 -13.77 23.00 22.88
CA LYS B 4 -15.21 23.09 23.17
C LYS B 4 -16.06 22.87 21.91
N ILE B 5 -15.65 21.91 21.08
CA ILE B 5 -16.38 21.58 19.86
C ILE B 5 -16.92 20.14 19.89
N LYS B 6 -16.95 19.51 21.06
CA LYS B 6 -17.43 18.13 21.14
C LYS B 6 -18.86 18.03 20.62
N ASN B 7 -19.06 17.12 19.67
CA ASN B 7 -20.35 16.81 19.04
C ASN B 7 -20.89 17.93 18.16
N LYS B 8 -20.14 19.01 17.93
CA LYS B 8 -20.58 20.05 17.03
C LYS B 8 -20.39 19.61 15.57
N VAL B 9 -21.40 19.83 14.75
CA VAL B 9 -21.39 19.38 13.36
C VAL B 9 -20.80 20.46 12.47
N CYS B 10 -19.84 20.09 11.63
CA CYS B 10 -19.27 21.01 10.67
C CYS B 10 -19.33 20.36 9.29
N ILE B 11 -19.98 21.03 8.33
CA ILE B 11 -19.98 20.58 6.95
C ILE B 11 -18.74 21.16 6.27
N ILE B 12 -18.02 20.33 5.53
CA ILE B 12 -16.79 20.73 4.83
C ILE B 12 -16.95 20.37 3.37
N THR B 13 -17.01 21.36 2.49
CA THR B 13 -17.08 21.02 1.07
C THR B 13 -15.67 20.77 0.54
N GLY B 14 -15.58 19.83 -0.40
CA GLY B 14 -14.25 19.42 -0.82
C GLY B 14 -13.44 18.84 0.33
N GLY B 15 -14.11 18.18 1.27
CA GLY B 15 -13.46 17.71 2.47
C GLY B 15 -12.92 16.30 2.38
N ALA B 16 -12.92 15.69 1.20
CA ALA B 16 -12.45 14.32 1.05
C ALA B 16 -10.96 14.23 0.78
N LYS B 17 -10.32 15.34 0.40
CA LYS B 17 -8.91 15.35 0.06
C LYS B 17 -8.28 16.66 0.52
N GLY B 18 -6.94 16.64 0.61
CA GLY B 18 -6.17 17.87 0.72
C GLY B 18 -6.49 18.65 1.98
N ILE B 19 -6.56 19.97 1.83
CA ILE B 19 -6.80 20.86 2.97
C ILE B 19 -8.12 20.52 3.66
N GLY B 20 -9.18 20.33 2.87
CA GLY B 20 -10.48 20.00 3.46
C GLY B 20 -10.43 18.76 4.32
N TYR B 21 -9.74 17.71 3.83
CA TYR B 21 -9.61 16.47 4.60
C TYR B 21 -8.80 16.68 5.89
N GLY B 22 -7.75 17.50 5.83
CA GLY B 22 -7.00 17.80 7.04
C GLY B 22 -7.86 18.49 8.08
N ILE B 23 -8.72 19.41 7.64
CA ILE B 23 -9.64 20.07 8.56
C ILE B 23 -10.62 19.05 9.13
N ALA B 24 -11.16 18.17 8.27
CA ALA B 24 -12.09 17.15 8.72
C ALA B 24 -11.48 16.24 9.78
N LYS B 25 -10.25 15.76 9.54
CA LYS B 25 -9.60 14.87 10.50
C LYS B 25 -9.38 15.57 11.84
N LEU B 26 -8.90 16.81 11.82
CA LEU B 26 -8.64 17.51 13.08
C LEU B 26 -9.94 17.87 13.79
N TRP B 27 -10.96 18.30 13.05
CA TRP B 27 -12.28 18.51 13.64
C TRP B 27 -12.74 17.27 14.39
N ALA B 28 -12.59 16.10 13.76
CA ALA B 28 -13.03 14.86 14.39
C ALA B 28 -12.14 14.47 15.57
N SER B 29 -10.82 14.66 15.44
N SER B 29 -10.82 14.65 15.44
CA SER B 29 -9.91 14.33 16.53
CA SER B 29 -9.94 14.30 16.55
C SER B 29 -10.22 15.15 17.77
C SER B 29 -10.15 15.18 17.77
N GLU B 30 -10.70 16.37 17.60
CA GLU B 30 -11.04 17.27 18.70
C GLU B 30 -12.46 17.08 19.20
N GLY B 31 -13.16 16.07 18.72
CA GLY B 31 -14.47 15.72 19.23
C GLY B 31 -15.63 16.16 18.36
N GLY B 32 -15.37 16.95 17.33
CA GLY B 32 -16.44 17.41 16.47
C GLY B 32 -16.86 16.33 15.49
N ILE B 33 -17.98 16.58 14.82
CA ILE B 33 -18.53 15.63 13.86
C ILE B 33 -18.40 16.26 12.47
N PRO B 34 -17.49 15.78 11.63
CA PRO B 34 -17.36 16.33 10.27
C PRO B 34 -18.30 15.65 9.30
N VAL B 35 -18.89 16.46 8.44
CA VAL B 35 -19.77 15.98 7.37
C VAL B 35 -19.17 16.49 6.06
N ILE B 36 -18.80 15.56 5.18
CA ILE B 36 -18.04 15.87 3.97
C ILE B 36 -19.01 15.97 2.80
N PHE B 37 -18.99 17.10 2.11
CA PHE B 37 -19.73 17.29 0.85
C PHE B 37 -18.70 17.31 -0.28
N SER B 38 -18.63 16.23 -1.06
N SER B 38 -18.65 16.24 -1.08
CA SER B 38 -17.71 16.17 -2.19
CA SER B 38 -17.72 16.19 -2.20
C SER B 38 -18.33 15.32 -3.29
C SER B 38 -18.27 15.22 -3.26
N ARG B 39 -17.61 15.21 -4.41
CA ARG B 39 -18.08 14.35 -5.49
C ARG B 39 -17.75 12.89 -5.21
N SER B 40 -16.67 12.63 -4.45
CA SER B 40 -16.28 11.26 -4.14
C SER B 40 -15.47 11.27 -2.86
N MET B 41 -15.33 10.08 -2.28
CA MET B 41 -14.62 9.92 -1.01
C MET B 41 -13.70 8.71 -1.10
N PRO B 42 -12.38 8.89 -1.03
CA PRO B 42 -11.47 7.73 -1.03
C PRO B 42 -11.81 6.76 0.09
N LYS B 43 -11.73 5.46 -0.23
CA LYS B 43 -12.06 4.42 0.75
C LYS B 43 -11.20 4.54 2.02
N GLU B 44 -9.91 4.77 1.85
CA GLU B 44 -9.02 4.90 3.02
C GLU B 44 -9.37 6.12 3.84
N HIS B 45 -9.81 7.21 3.20
CA HIS B 45 -10.17 8.40 3.96
C HIS B 45 -11.48 8.19 4.71
N ASP B 46 -12.43 7.51 4.08
CA ASP B 46 -13.66 7.13 4.79
C ASP B 46 -13.34 6.30 6.01
N LYS B 47 -12.40 5.35 5.88
CA LYS B 47 -12.06 4.49 7.00
C LYS B 47 -11.48 5.29 8.15
N GLU B 48 -10.54 6.21 7.85
N GLU B 48 -10.56 6.21 7.82
CA GLU B 48 -9.91 6.94 8.94
CA GLU B 48 -9.87 7.00 8.85
C GLU B 48 -10.88 7.91 9.61
C GLU B 48 -10.84 7.93 9.57
N LEU B 49 -11.73 8.58 8.82
CA LEU B 49 -12.69 9.50 9.44
C LEU B 49 -13.69 8.75 10.32
N LYS B 50 -14.11 7.56 9.90
CA LYS B 50 -15.00 6.76 10.74
C LYS B 50 -14.31 6.33 12.03
N LYS B 51 -13.02 5.98 11.92
CA LYS B 51 -12.22 5.67 13.11
C LYS B 51 -12.18 6.85 14.08
N LEU B 52 -12.12 8.08 13.54
CA LEU B 52 -12.06 9.26 14.39
C LEU B 52 -13.44 9.67 14.93
N SER B 53 -14.51 9.43 14.17
CA SER B 53 -15.84 9.88 14.59
C SER B 53 -16.89 8.92 14.05
N SER B 54 -17.58 8.22 14.95
CA SER B 54 -18.59 7.28 14.48
C SER B 54 -19.75 7.96 13.77
N GLU B 55 -19.95 9.26 13.99
CA GLU B 55 -21.06 9.98 13.37
C GLU B 55 -20.67 10.78 12.13
N TYR B 56 -19.39 10.78 11.76
CA TYR B 56 -18.98 11.36 10.49
C TYR B 56 -19.82 10.78 9.35
N GLU B 57 -20.15 11.63 8.37
CA GLU B 57 -20.89 11.21 7.18
C GLU B 57 -20.26 11.81 5.94
N PHE B 58 -20.33 11.05 4.84
CA PHE B 58 -20.00 11.54 3.51
C PHE B 58 -21.27 11.63 2.67
N TYR B 59 -21.52 12.80 2.09
CA TYR B 59 -22.62 13.01 1.15
C TYR B 59 -22.06 13.31 -0.23
N GLU B 60 -22.28 12.40 -1.17
CA GLU B 60 -21.94 12.64 -2.56
C GLU B 60 -22.82 13.76 -3.12
N ILE B 61 -22.21 14.79 -3.71
CA ILE B 61 -22.96 15.97 -4.10
C ILE B 61 -22.32 16.62 -5.32
N ASP B 62 -23.16 17.08 -6.23
CA ASP B 62 -22.79 17.95 -7.34
C ASP B 62 -22.99 19.37 -6.84
N LEU B 63 -21.89 20.06 -6.52
CA LEU B 63 -22.02 21.40 -5.97
C LEU B 63 -22.49 22.44 -7.00
N LYS B 64 -22.70 22.02 -8.24
CA LYS B 64 -23.33 22.89 -9.24
C LYS B 64 -24.85 22.73 -9.25
N ASN B 65 -25.39 21.85 -8.42
CA ASN B 65 -26.82 21.56 -8.37
C ASN B 65 -27.38 22.19 -7.10
N TYR B 66 -27.99 23.37 -7.24
CA TYR B 66 -28.44 24.10 -6.06
C TYR B 66 -29.55 23.37 -5.33
N GLU B 67 -30.43 22.68 -6.05
CA GLU B 67 -31.50 21.96 -5.38
C GLU B 67 -30.96 20.77 -4.59
N GLN B 68 -29.95 20.09 -5.12
CA GLN B 68 -29.37 18.99 -4.37
C GLN B 68 -28.68 19.52 -3.10
N ILE B 69 -28.03 20.67 -3.20
CA ILE B 69 -27.46 21.31 -2.00
C ILE B 69 -28.54 21.55 -0.96
N GLU B 70 -29.65 22.18 -1.36
CA GLU B 70 -30.76 22.41 -0.42
C GLU B 70 -31.20 21.12 0.24
N LYS B 71 -31.42 20.08 -0.55
CA LYS B 71 -31.93 18.83 -0.01
C LYS B 71 -30.93 18.17 0.91
N LEU B 72 -29.64 18.20 0.57
CA LEU B 72 -28.67 17.49 1.39
C LEU B 72 -28.34 18.24 2.67
N VAL B 73 -28.31 19.57 2.65
CA VAL B 73 -28.12 20.32 3.89
C VAL B 73 -29.27 20.03 4.86
N LYS B 74 -30.51 19.98 4.35
CA LYS B 74 -31.64 19.64 5.19
C LYS B 74 -31.49 18.25 5.79
N LYS B 75 -31.04 17.29 4.97
CA LYS B 75 -30.80 15.92 5.47
C LYS B 75 -29.81 15.90 6.62
N VAL B 76 -28.71 16.66 6.50
CA VAL B 76 -27.72 16.72 7.57
C VAL B 76 -28.35 17.24 8.85
N ALA B 77 -29.10 18.34 8.75
CA ALA B 77 -29.69 18.94 9.94
C ALA B 77 -30.71 18.03 10.59
N ILE B 78 -31.51 17.33 9.79
CA ILE B 78 -32.46 16.35 10.33
C ILE B 78 -31.72 15.23 11.04
N LYS B 79 -30.68 14.70 10.40
CA LYS B 79 -29.95 13.56 10.96
C LYS B 79 -29.27 13.93 12.27
N HIS B 80 -28.61 15.09 12.31
CA HIS B 80 -27.79 15.43 13.46
C HIS B 80 -28.46 16.40 14.42
N GLY B 81 -29.59 16.99 14.04
CA GLY B 81 -30.27 17.95 14.87
C GLY B 81 -29.89 19.41 14.63
N GLY B 82 -28.94 19.67 13.74
CA GLY B 82 -28.50 21.01 13.48
C GLY B 82 -27.13 21.01 12.85
N ILE B 83 -26.62 22.22 12.60
CA ILE B 83 -25.31 22.41 11.99
C ILE B 83 -24.65 23.57 12.73
N TYR B 84 -23.44 23.33 13.26
CA TYR B 84 -22.70 24.39 13.95
C TYR B 84 -21.85 25.24 13.00
N ALA B 85 -21.20 24.61 12.03
CA ALA B 85 -20.24 25.33 11.20
C ALA B 85 -20.24 24.80 9.78
N LEU B 86 -19.74 25.65 8.88
CA LEU B 86 -19.59 25.34 7.46
C LEU B 86 -18.19 25.79 7.05
N VAL B 87 -17.45 24.89 6.41
CA VAL B 87 -16.19 25.23 5.76
C VAL B 87 -16.41 25.11 4.25
N ASN B 88 -16.36 26.24 3.56
CA ASN B 88 -16.44 26.29 2.11
C ASN B 88 -15.03 26.13 1.56
N ASN B 89 -14.78 25.04 0.84
CA ASN B 89 -13.41 24.73 0.45
C ASN B 89 -13.32 24.09 -0.93
N ALA B 90 -14.43 23.57 -1.46
CA ALA B 90 -14.37 22.91 -2.77
C ALA B 90 -13.96 23.89 -3.86
N GLY B 91 -13.23 23.38 -4.85
CA GLY B 91 -12.69 24.19 -5.93
C GLY B 91 -11.23 23.89 -6.19
N THR B 92 -10.75 24.34 -7.36
N THR B 92 -10.74 24.42 -7.33
CA THR B 92 -9.37 24.19 -7.78
CA THR B 92 -9.33 24.26 -7.61
C THR B 92 -8.93 25.44 -8.52
C THR B 92 -8.90 25.30 -8.63
N ASN B 93 -7.63 25.68 -8.55
CA ASN B 93 -7.07 26.68 -9.46
C ASN B 93 -7.03 26.09 -10.86
N ASP B 94 -7.84 26.62 -11.76
CA ASP B 94 -7.94 26.09 -13.12
C ASP B 94 -7.16 26.92 -14.13
N ASN B 95 -6.41 27.93 -13.69
CA ASN B 95 -5.47 28.68 -14.52
C ASN B 95 -6.09 29.11 -15.86
N LEU B 96 -7.21 29.83 -15.75
CA LEU B 96 -7.94 30.35 -16.91
C LEU B 96 -7.54 31.81 -17.11
N HIS B 97 -6.66 32.06 -18.06
CA HIS B 97 -6.17 33.40 -18.32
C HIS B 97 -7.17 34.19 -19.18
N ILE B 98 -7.32 35.48 -18.88
CA ILE B 98 -8.36 36.27 -19.54
C ILE B 98 -8.18 36.30 -21.05
N GLU B 99 -6.93 36.29 -21.53
CA GLU B 99 -6.73 36.55 -22.95
C GLU B 99 -7.16 35.39 -23.83
N ASN B 100 -7.32 34.19 -23.29
CA ASN B 100 -7.78 33.08 -24.11
C ASN B 100 -8.92 32.30 -23.46
N THR B 101 -9.69 32.96 -22.59
CA THR B 101 -10.82 32.32 -21.92
C THR B 101 -12.07 33.17 -22.15
N SER B 102 -13.10 32.57 -22.72
CA SER B 102 -14.35 33.28 -22.94
C SER B 102 -15.04 33.61 -21.61
N THR B 103 -15.94 34.59 -21.66
CA THR B 103 -16.75 34.89 -20.48
C THR B 103 -17.61 33.69 -20.09
N GLN B 104 -18.12 32.95 -21.08
CA GLN B 104 -18.88 31.74 -20.78
C GLN B 104 -18.05 30.75 -19.95
N ASP B 105 -16.78 30.59 -20.30
CA ASP B 105 -15.93 29.67 -19.54
C ASP B 105 -15.51 30.24 -18.19
N LEU B 106 -15.38 31.56 -18.09
CA LEU B 106 -15.25 32.19 -16.77
C LEU B 106 -16.42 31.77 -15.88
N ILE B 107 -17.63 31.82 -16.42
CA ILE B 107 -18.81 31.52 -15.61
C ILE B 107 -18.83 30.04 -15.25
N LYS B 108 -18.43 29.17 -16.19
CA LYS B 108 -18.35 27.75 -15.87
C LYS B 108 -17.34 27.50 -14.76
N SER B 109 -16.23 28.26 -14.76
CA SER B 109 -15.28 28.18 -13.65
C SER B 109 -15.95 28.61 -12.35
N TYR B 110 -16.71 29.70 -12.40
CA TYR B 110 -17.42 30.14 -11.19
C TYR B 110 -18.41 29.09 -10.71
N GLU B 111 -19.03 28.34 -11.63
CA GLU B 111 -19.89 27.24 -11.19
C GLU B 111 -19.08 26.24 -10.38
N ASN B 112 -17.84 25.97 -10.78
CA ASN B 112 -17.02 25.01 -10.07
C ASN B 112 -16.45 25.57 -8.77
N ASN B 113 -16.09 26.86 -8.76
CA ASN B 113 -15.25 27.41 -7.70
C ASN B 113 -15.96 28.43 -6.82
N LEU B 114 -17.03 29.08 -7.29
CA LEU B 114 -17.54 30.24 -6.58
C LEU B 114 -18.97 30.08 -6.11
N PHE B 115 -19.90 29.74 -7.01
CA PHE B 115 -21.32 29.93 -6.68
C PHE B 115 -21.75 29.09 -5.49
N HIS B 116 -21.18 27.88 -5.32
CA HIS B 116 -21.60 27.03 -4.21
C HIS B 116 -21.17 27.55 -2.84
N TYR B 117 -20.18 28.46 -2.77
CA TYR B 117 -19.94 29.10 -1.47
C TYR B 117 -21.17 29.86 -1.02
N TYR B 118 -21.83 30.53 -1.96
CA TYR B 118 -23.08 31.24 -1.65
C TYR B 118 -24.19 30.24 -1.32
N THR B 119 -24.41 29.24 -2.19
CA THR B 119 -25.54 28.32 -1.98
C THR B 119 -25.39 27.55 -0.67
N MET B 120 -24.20 27.02 -0.40
CA MET B 120 -23.97 26.28 0.85
C MET B 120 -24.26 27.17 2.05
N THR B 121 -23.71 28.38 2.04
CA THR B 121 -23.88 29.27 3.19
C THR B 121 -25.34 29.64 3.37
N LYS B 122 -26.03 29.95 2.27
CA LYS B 122 -27.45 30.27 2.33
C LYS B 122 -28.23 29.17 3.03
N GLU B 123 -27.97 27.93 2.65
CA GLU B 123 -28.77 26.81 3.18
C GLU B 123 -28.35 26.43 4.59
N CYS B 124 -27.08 26.63 4.96
CA CYS B 124 -26.63 26.33 6.32
C CYS B 124 -26.98 27.41 7.33
N LEU B 125 -27.17 28.64 6.86
CA LEU B 125 -27.29 29.80 7.73
C LEU B 125 -28.37 29.66 8.81
N PRO B 126 -29.60 29.19 8.51
CA PRO B 126 -30.59 29.10 9.61
C PRO B 126 -30.10 28.23 10.75
N TYR B 127 -29.41 27.14 10.41
CA TYR B 127 -28.92 26.22 11.44
C TYR B 127 -27.74 26.82 12.19
N ILE B 128 -26.81 27.45 11.47
CA ILE B 128 -25.64 28.01 12.12
C ILE B 128 -26.04 29.20 13.01
N LYS B 129 -27.00 30.00 12.57
CA LYS B 129 -27.50 31.09 13.41
C LYS B 129 -28.08 30.54 14.71
N LYS B 130 -28.87 29.47 14.61
CA LYS B 130 -29.46 28.88 15.82
C LYS B 130 -28.39 28.46 16.82
N GLU B 131 -27.27 27.91 16.34
CA GLU B 131 -26.21 27.46 17.23
C GLU B 131 -25.14 28.52 17.48
N GLN B 132 -25.31 29.72 16.94
CA GLN B 132 -24.33 30.81 17.09
C GLN B 132 -22.94 30.32 16.69
N GLY B 133 -22.87 29.74 15.50
CA GLY B 133 -21.71 29.02 15.03
C GLY B 133 -20.80 29.86 14.15
N SER B 134 -20.18 29.17 13.19
CA SER B 134 -19.05 29.74 12.45
C SER B 134 -19.15 29.37 10.98
N ILE B 135 -18.73 30.29 10.13
CA ILE B 135 -18.57 30.03 8.70
C ILE B 135 -17.13 30.36 8.38
N LEU B 136 -16.43 29.43 7.72
CA LEU B 136 -15.04 29.62 7.34
C LEU B 136 -14.91 29.42 5.83
N ASN B 137 -14.45 30.45 5.13
CA ASN B 137 -14.22 30.38 3.69
C ASN B 137 -12.73 30.15 3.41
N ILE B 138 -12.40 29.03 2.78
CA ILE B 138 -11.03 28.81 2.35
C ILE B 138 -10.81 29.54 1.03
N VAL B 139 -9.88 30.48 1.03
CA VAL B 139 -9.63 31.26 -0.18
C VAL B 139 -8.20 30.97 -0.60
N SER B 140 -7.46 31.99 -1.05
CA SER B 140 -6.13 31.76 -1.60
C SER B 140 -5.38 33.08 -1.61
N LYS B 141 -4.05 33.01 -1.43
CA LYS B 141 -3.20 34.17 -1.64
C LYS B 141 -3.50 34.86 -2.97
N THR B 142 -3.88 34.08 -3.99
CA THR B 142 -4.06 34.62 -5.33
C THR B 142 -5.16 35.67 -5.41
N GLY B 143 -6.17 35.60 -4.53
CA GLY B 143 -7.20 36.62 -4.51
C GLY B 143 -6.72 37.96 -3.99
N ILE B 144 -5.61 37.97 -3.26
CA ILE B 144 -4.99 39.18 -2.73
C ILE B 144 -3.86 39.67 -3.62
N THR B 145 -2.98 38.76 -4.03
CA THR B 145 -1.73 39.09 -4.72
C THR B 145 -1.85 39.01 -6.23
N GLY B 146 -2.87 38.34 -6.74
CA GLY B 146 -2.89 37.97 -8.16
C GLY B 146 -1.84 36.92 -8.44
N GLN B 147 -1.80 36.48 -9.70
N GLN B 147 -1.83 36.45 -9.68
CA GLN B 147 -0.78 35.52 -10.09
CA GLN B 147 -0.81 35.51 -10.11
C GLN B 147 -0.36 35.75 -11.54
C GLN B 147 -0.36 35.88 -11.52
N GLY B 148 -1.33 36.03 -12.42
CA GLY B 148 -1.01 36.50 -13.76
C GLY B 148 -1.62 35.71 -14.89
N ARG B 149 -1.97 34.44 -14.67
CA ARG B 149 -2.59 33.64 -15.73
C ARG B 149 -3.79 32.86 -15.19
N THR B 150 -4.52 33.45 -14.25
CA THR B 150 -5.63 32.73 -13.62
C THR B 150 -6.72 33.71 -13.18
N SER B 151 -7.31 34.39 -14.17
CA SER B 151 -8.36 35.38 -13.90
C SER B 151 -9.57 34.78 -13.20
N ALA B 152 -9.99 33.58 -13.60
CA ALA B 152 -11.20 33.01 -13.03
C ALA B 152 -11.01 32.67 -11.55
N TYR B 153 -9.90 32.02 -11.22
CA TYR B 153 -9.64 31.64 -9.83
C TYR B 153 -9.40 32.88 -8.97
N ALA B 154 -8.57 33.80 -9.46
CA ALA B 154 -8.22 34.97 -8.65
C ALA B 154 -9.46 35.76 -8.28
N SER B 155 -10.38 35.95 -9.23
CA SER B 155 -11.56 36.76 -8.96
C SER B 155 -12.54 36.01 -8.06
N ALA B 156 -12.65 34.69 -8.23
CA ALA B 156 -13.51 33.90 -7.36
C ALA B 156 -13.02 33.94 -5.93
N LYS B 157 -11.70 33.83 -5.73
CA LYS B 157 -11.15 33.87 -4.38
C LYS B 157 -11.36 35.23 -3.74
N ALA B 158 -11.14 36.31 -4.51
CA ALA B 158 -11.40 37.65 -3.99
C ALA B 158 -12.88 37.86 -3.71
N ALA B 159 -13.76 37.38 -4.59
CA ALA B 159 -15.19 37.46 -4.33
C ALA B 159 -15.53 36.84 -2.97
N GLN B 160 -14.85 35.74 -2.63
CA GLN B 160 -15.12 35.04 -1.37
C GLN B 160 -14.60 35.80 -0.16
N MET B 161 -13.54 36.59 -0.33
CA MET B 161 -13.15 37.54 0.72
C MET B 161 -14.23 38.60 0.92
N GLY B 162 -14.84 39.05 -0.19
CA GLY B 162 -15.98 39.94 -0.07
C GLY B 162 -17.14 39.31 0.67
N PHE B 163 -17.50 38.06 0.32
CA PHE B 163 -18.53 37.36 1.08
C PHE B 163 -18.18 37.30 2.56
N THR B 164 -16.89 37.11 2.87
CA THR B 164 -16.48 36.98 4.27
C THR B 164 -16.79 38.26 5.03
N ARG B 165 -16.42 39.40 4.45
CA ARG B 165 -16.66 40.67 5.12
C ARG B 165 -18.15 40.98 5.17
N GLU B 166 -18.86 40.69 4.09
CA GLU B 166 -20.29 40.99 4.02
C GLU B 166 -21.08 40.14 5.00
N TRP B 167 -20.79 38.83 5.05
CA TRP B 167 -21.52 37.95 5.98
C TRP B 167 -21.13 38.23 7.43
N ALA B 168 -19.87 38.63 7.67
CA ALA B 168 -19.52 39.05 9.02
C ALA B 168 -20.38 40.23 9.48
N CYS B 169 -20.60 41.19 8.59
CA CYS B 169 -21.50 42.31 8.88
C CYS B 169 -22.91 41.82 9.11
N ALA B 170 -23.40 40.95 8.22
CA ALA B 170 -24.80 40.54 8.24
C ALA B 170 -25.16 39.79 9.51
N PHE B 171 -24.26 38.96 10.02
CA PHE B 171 -24.62 38.02 11.07
C PHE B 171 -23.87 38.26 12.38
N ALA B 172 -23.15 39.37 12.51
CA ALA B 172 -22.55 39.71 13.79
C ALA B 172 -23.62 39.83 14.87
N LYS B 173 -24.77 40.41 14.51
CA LYS B 173 -25.87 40.55 15.45
C LYS B 173 -26.39 39.20 15.94
N ASP B 174 -26.19 38.15 15.16
CA ASP B 174 -26.65 36.81 15.49
C ASP B 174 -25.59 36.01 16.23
N ASN B 175 -24.46 36.64 16.55
CA ASN B 175 -23.29 35.96 17.13
C ASN B 175 -22.83 34.81 16.24
N VAL B 176 -22.82 35.03 14.93
CA VAL B 176 -22.22 34.11 13.98
C VAL B 176 -20.95 34.76 13.45
N ARG B 177 -19.83 34.05 13.59
CA ARG B 177 -18.54 34.54 13.11
C ARG B 177 -18.28 34.04 11.69
N VAL B 178 -17.72 34.90 10.85
CA VAL B 178 -17.41 34.55 9.46
C VAL B 178 -15.98 34.99 9.18
N ASN B 179 -15.13 34.04 8.80
CA ASN B 179 -13.71 34.31 8.57
C ASN B 179 -13.28 33.54 7.32
N ALA B 180 -12.04 33.83 6.90
CA ALA B 180 -11.47 33.16 5.75
C ALA B 180 -10.02 32.82 6.08
N ILE B 181 -9.52 31.75 5.45
N ILE B 181 -9.52 31.76 5.46
CA ILE B 181 -8.11 31.39 5.46
CA ILE B 181 -8.09 31.45 5.48
C ILE B 181 -7.58 31.53 4.04
C ILE B 181 -7.57 31.52 4.06
N ALA B 182 -6.49 32.27 3.88
CA ALA B 182 -5.85 32.41 2.57
C ALA B 182 -4.53 31.67 2.59
N PRO B 183 -4.50 30.39 2.21
CA PRO B 183 -3.23 29.68 2.13
C PRO B 183 -2.43 30.20 0.95
N ALA B 184 -1.11 30.00 1.03
CA ALA B 184 -0.26 30.32 -0.10
C ALA B 184 0.09 29.02 -0.81
N GLU B 185 1.23 28.42 -0.46
CA GLU B 185 1.66 27.16 -1.06
C GLU B 185 1.55 26.05 -0.02
N VAL B 186 0.62 25.13 -0.24
CA VAL B 186 0.33 24.05 0.71
C VAL B 186 0.61 22.72 0.02
N MET B 187 1.50 21.92 0.61
CA MET B 187 1.78 20.61 0.03
C MET B 187 0.61 19.67 0.25
N THR B 188 0.09 19.12 -0.85
CA THR B 188 -1.00 18.16 -0.88
C THR B 188 -0.64 17.08 -1.89
N PRO B 189 -1.29 15.93 -1.82
CA PRO B 189 -1.05 14.93 -2.87
C PRO B 189 -1.34 15.45 -4.27
N LEU B 190 -2.34 16.32 -4.42
CA LEU B 190 -2.60 16.95 -5.71
C LEU B 190 -1.44 17.82 -6.16
N TYR B 191 -0.86 18.60 -5.23
CA TYR B 191 0.29 19.41 -5.58
C TYR B 191 1.48 18.54 -5.95
N GLU B 192 1.71 17.47 -5.18
CA GLU B 192 2.80 16.55 -5.47
C GLU B 192 2.63 15.93 -6.85
N LYS B 193 1.39 15.62 -7.24
CA LYS B 193 1.14 15.09 -8.58
C LYS B 193 1.48 16.11 -9.66
N TRP B 194 1.08 17.37 -9.44
CA TRP B 194 1.39 18.44 -10.38
C TRP B 194 2.90 18.61 -10.53
N LEU B 195 3.64 18.57 -9.43
CA LEU B 195 5.09 18.69 -9.49
C LEU B 195 5.73 17.51 -10.22
N GLN B 196 5.18 16.30 -10.01
CA GLN B 196 5.71 15.10 -10.66
C GLN B 196 5.59 15.14 -12.17
N ASN B 197 4.82 16.09 -12.72
CA ASN B 197 4.71 16.22 -14.16
C ASN B 197 5.92 16.93 -14.78
N PHE B 198 6.76 17.53 -13.97
CA PHE B 198 7.92 18.24 -14.49
C PHE B 198 9.10 17.28 -14.65
N PRO B 199 9.95 17.53 -15.64
CA PRO B 199 11.17 16.71 -15.77
C PRO B 199 12.01 16.70 -14.51
N ASN B 200 12.04 17.80 -13.76
CA ASN B 200 12.80 17.91 -12.51
C ASN B 200 11.83 18.33 -11.40
N PRO B 201 11.12 17.37 -10.80
CA PRO B 201 10.14 17.76 -9.76
C PRO B 201 10.78 18.43 -8.56
N LYS B 202 11.95 17.95 -8.12
CA LYS B 202 12.61 18.54 -6.97
C LYS B 202 12.98 19.99 -7.23
N GLU B 203 13.49 20.29 -8.43
CA GLU B 203 13.90 21.66 -8.74
C GLU B 203 12.70 22.57 -8.89
N GLN B 204 11.60 22.05 -9.46
CA GLN B 204 10.39 22.85 -9.54
C GLN B 204 9.87 23.17 -8.16
N TYR B 205 9.89 22.18 -7.26
CA TYR B 205 9.50 22.46 -5.87
C TYR B 205 10.38 23.55 -5.27
N GLU B 206 11.70 23.43 -5.43
CA GLU B 206 12.61 24.39 -4.82
C GLU B 206 12.48 25.77 -5.44
N LYS B 207 12.19 25.84 -6.74
CA LYS B 207 11.94 27.13 -7.38
C LYS B 207 10.77 27.85 -6.72
N ILE B 208 9.69 27.11 -6.45
CA ILE B 208 8.53 27.71 -5.80
C ILE B 208 8.84 27.99 -4.33
N ALA B 209 9.42 27.01 -3.64
CA ALA B 209 9.56 27.10 -2.18
C ALA B 209 10.60 28.13 -1.75
N LYS B 210 11.57 28.45 -2.62
CA LYS B 210 12.59 29.43 -2.25
C LYS B 210 11.99 30.80 -1.97
N ALA B 211 10.80 31.08 -2.51
CA ALA B 211 10.14 32.35 -2.28
C ALA B 211 9.34 32.38 -0.99
N ILE B 212 9.33 31.31 -0.20
CA ILE B 212 8.57 31.25 1.05
C ILE B 212 9.54 31.56 2.20
N PRO B 213 9.42 32.72 2.85
CA PRO B 213 10.44 33.12 3.84
C PRO B 213 10.64 32.13 4.97
N LEU B 214 9.56 31.56 5.52
CA LEU B 214 9.69 30.73 6.71
C LEU B 214 10.07 29.31 6.28
N GLY B 215 11.37 29.05 6.22
CA GLY B 215 11.88 27.72 5.97
C GLY B 215 12.08 27.33 4.51
N HIS B 216 11.77 28.19 3.56
CA HIS B 216 11.82 27.85 2.13
C HIS B 216 11.14 26.51 1.87
N ARG B 217 9.92 26.35 2.41
CA ARG B 217 9.21 25.09 2.29
C ARG B 217 7.72 25.40 2.29
N PHE B 218 6.95 24.50 1.70
CA PHE B 218 5.51 24.67 1.62
C PHE B 218 4.87 24.60 3.01
N THR B 219 3.76 25.31 3.17
CA THR B 219 2.88 25.09 4.31
C THR B 219 2.37 23.66 4.29
N THR B 220 2.16 23.08 5.47
CA THR B 220 1.57 21.75 5.57
C THR B 220 0.04 21.84 5.71
N ILE B 221 -0.62 20.74 5.32
CA ILE B 221 -2.06 20.61 5.54
C ILE B 221 -2.38 20.79 7.02
N GLU B 222 -1.53 20.24 7.89
CA GLU B 222 -1.78 20.34 9.33
C GLU B 222 -1.73 21.78 9.80
N GLU B 223 -0.80 22.57 9.25
CA GLU B 223 -0.74 23.98 9.63
C GLU B 223 -2.03 24.71 9.24
N ILE B 224 -2.55 24.46 8.04
CA ILE B 224 -3.81 25.10 7.66
C ILE B 224 -4.93 24.65 8.59
N ALA B 225 -4.99 23.33 8.83
CA ALA B 225 -6.09 22.78 9.63
C ALA B 225 -6.06 23.32 11.06
N ASN B 226 -4.88 23.45 11.66
CA ASN B 226 -4.81 23.92 13.04
C ASN B 226 -5.40 25.31 13.17
N THR B 227 -5.02 26.22 12.27
CA THR B 227 -5.58 27.56 12.34
C THR B 227 -7.06 27.56 11.98
N ALA B 228 -7.47 26.71 11.03
CA ALA B 228 -8.88 26.62 10.66
C ALA B 228 -9.74 26.19 11.85
N VAL B 229 -9.37 25.08 12.49
CA VAL B 229 -10.21 24.53 13.55
C VAL B 229 -10.19 25.44 14.78
N PHE B 230 -9.03 26.01 15.11
CA PHE B 230 -9.01 26.98 16.19
C PHE B 230 -9.96 28.15 15.91
N THR B 231 -9.92 28.67 14.67
CA THR B 231 -10.75 29.81 14.31
C THR B 231 -12.24 29.47 14.33
N LEU B 232 -12.58 28.26 13.87
CA LEU B 232 -13.97 27.81 13.93
C LEU B 232 -14.47 27.71 15.37
N SER B 233 -13.60 27.34 16.31
CA SER B 233 -13.99 26.96 17.65
C SER B 233 -14.47 28.16 18.47
N PRO B 234 -15.19 27.91 19.56
CA PRO B 234 -15.56 29.01 20.47
C PRO B 234 -14.37 29.70 21.12
N LEU B 235 -13.15 29.18 20.98
CA LEU B 235 -12.02 29.88 21.58
C LEU B 235 -11.65 31.13 20.80
N ALA B 236 -12.07 31.23 19.55
CA ALA B 236 -11.88 32.44 18.74
C ALA B 236 -13.17 33.26 18.70
N SER B 237 -13.80 33.43 19.88
CA SER B 237 -15.18 33.91 19.94
C SER B 237 -15.33 35.41 19.66
N HIS B 238 -14.24 36.17 19.50
CA HIS B 238 -14.40 37.54 19.05
C HIS B 238 -13.70 37.77 17.72
N THR B 239 -13.43 36.70 16.98
CA THR B 239 -12.74 36.81 15.71
C THR B 239 -13.78 36.71 14.59
N THR B 240 -14.00 37.80 13.87
CA THR B 240 -14.90 37.75 12.74
C THR B 240 -14.41 38.72 11.68
N GLY B 241 -14.77 38.42 10.43
CA GLY B 241 -14.37 39.28 9.33
C GLY B 241 -12.92 39.17 8.93
N GLN B 242 -12.20 38.21 9.49
CA GLN B 242 -10.76 38.13 9.29
C GLN B 242 -10.38 37.32 8.07
N ILE B 243 -9.39 37.81 7.34
N ILE B 243 -9.36 37.79 7.36
CA ILE B 243 -8.66 37.04 6.33
CA ILE B 243 -8.70 37.00 6.32
C ILE B 243 -7.35 36.64 6.97
C ILE B 243 -7.34 36.63 6.89
N LEU B 244 -7.19 35.35 7.23
CA LEU B 244 -6.04 34.85 7.98
C LEU B 244 -5.03 34.23 7.04
N MET B 245 -3.75 34.54 7.26
CA MET B 245 -2.66 34.08 6.41
C MET B 245 -1.64 33.29 7.24
N PRO B 246 -1.85 31.98 7.40
CA PRO B 246 -0.77 31.09 7.81
C PRO B 246 -0.02 30.64 6.58
N ASP B 247 1.03 31.38 6.19
CA ASP B 247 1.51 31.25 4.82
C ASP B 247 3.02 31.37 4.70
N GLY B 248 3.74 31.28 5.82
CA GLY B 248 5.19 31.38 5.77
C GLY B 248 5.72 32.75 5.49
N GLY B 249 4.87 33.77 5.50
CA GLY B 249 5.27 35.12 5.16
C GLY B 249 5.05 35.51 3.71
N TYR B 250 4.31 34.70 2.94
CA TYR B 250 4.24 34.87 1.49
C TYR B 250 3.61 36.23 1.12
N VAL B 251 2.50 36.58 1.74
CA VAL B 251 1.81 37.81 1.35
C VAL B 251 2.52 39.04 1.89
N HIS B 252 3.05 38.99 3.13
CA HIS B 252 3.33 40.25 3.82
C HIS B 252 4.80 40.64 3.88
N LEU B 253 5.72 39.70 3.72
CA LEU B 253 7.13 40.03 3.91
C LEU B 253 7.78 40.43 2.60
N ASP B 254 8.78 41.31 2.70
CA ASP B 254 9.54 41.83 1.57
C ASP B 254 9.77 40.78 0.47
N ARG B 255 9.30 41.10 -0.75
CA ARG B 255 9.46 40.17 -1.87
C ARG B 255 10.92 39.85 -2.16
N ALA B 256 11.84 40.72 -1.78
CA ALA B 256 13.26 40.54 -2.07
C ALA B 256 13.96 39.64 -1.05
N LEU B 257 13.26 39.22 0.00
CA LEU B 257 13.91 38.48 1.08
C LEU B 257 14.57 37.22 0.52
N ASN B 258 15.82 36.98 0.94
CA ASN B 258 16.51 35.75 0.60
C ASN B 258 17.44 35.39 1.75
N TRP B 259 18.12 34.25 1.62
CA TRP B 259 18.97 33.77 2.69
C TRP B 259 20.40 34.25 2.60
N ASP B 260 20.73 35.07 1.60
CA ASP B 260 22.06 35.66 1.49
C ASP B 260 22.32 36.64 2.64
#